data_7F4O
#
_entry.id   7F4O
#
_cell.length_a   137.409
_cell.length_b   137.409
_cell.length_c   61.571
_cell.angle_alpha   90.000
_cell.angle_beta   90.000
_cell.angle_gamma   120.000
#
_symmetry.space_group_name_H-M   'P 32 2 1'
#
loop_
_entity.id
_entity.type
_entity.pdbx_description
1 polymer 'Transmembrane protein, putative'
2 polymer 'MT-a70 family protein'
3 water water
#
loop_
_entity_poly.entity_id
_entity_poly.type
_entity_poly.pdbx_seq_one_letter_code
_entity_poly.pdbx_strand_id
1 'polypeptide(L)'
;MKKNGKSQNQPLDFTQYAKNMRKDLSNQDICLEDGALNHSYFLTKKGQYWTPLNQKALQRGIELFGVGNWKEINYDEFSG
KANIVELELRTCMILGINDITEYYGKKISEEEQEEIKKSNIAKGKKENKLKDNIYQKLQQMQ
;
B
2 'polypeptide(L)'
;DDYLDRLPKSKKGLQGLLQDIEKRILHYKQLFFKEQNEIANGKRS(MSE)VPDNSIPICSDVTKLNFQALIDAQ(MSE)R
HAGK(MSE)FDVI(MSE)(MSE)DPPWQLSSSQPSRGVAIAYDSLSDEKIQN(MSE)PIQSLQQDGFIFVWAINAKYRVT
IK(MSE)IENWGYKLVDEITWVKKTVNGKIAKGHGFYLQHAKESCLIGVKGDVDNGRFKKNIASDVIFSERRGQSQKPEE
IYQYINQLCPNGNYLEIFARRNNLHDNWVSIGNEL
;
A
#
# COMPACT_ATOMS: atom_id res chain seq x y z
N PRO A 11 14.32 7.12 22.59
CA PRO A 11 15.69 6.67 22.45
C PRO A 11 15.73 5.45 21.53
N LEU A 12 14.79 5.39 20.60
CA LEU A 12 14.96 4.56 19.42
C LEU A 12 14.73 5.42 18.19
N ASP A 13 15.56 5.23 17.17
CA ASP A 13 15.32 5.94 15.92
C ASP A 13 14.46 5.04 15.06
N PHE A 14 13.19 5.37 14.98
CA PHE A 14 12.26 4.56 14.21
C PHE A 14 12.64 4.56 12.75
N THR A 15 13.08 5.71 12.27
CA THR A 15 13.36 5.91 10.87
C THR A 15 14.44 4.98 10.38
N GLN A 16 15.50 4.83 11.15
CA GLN A 16 16.55 3.87 10.82
C GLN A 16 16.03 2.44 10.89
N TYR A 17 15.19 2.20 11.89
CA TYR A 17 14.65 0.86 12.13
C TYR A 17 13.87 0.46 10.92
N ALA A 18 13.18 1.43 10.36
CA ALA A 18 12.36 1.18 9.20
C ALA A 18 13.21 0.67 8.05
N LYS A 19 14.41 1.19 7.89
CA LYS A 19 15.15 0.88 6.69
C LYS A 19 15.56 -0.58 6.65
N ASN A 20 16.27 -1.04 7.66
CA ASN A 20 16.86 -2.36 7.59
C ASN A 20 15.81 -3.44 7.44
N MET A 21 14.62 -3.15 7.96
CA MET A 21 13.53 -4.07 7.94
C MET A 21 13.05 -4.05 6.54
N ARG A 22 12.82 -2.85 6.06
CA ARG A 22 12.35 -2.65 4.71
C ARG A 22 13.29 -3.31 3.70
N LYS A 23 14.58 -3.38 4.02
CA LYS A 23 15.53 -4.00 3.13
C LYS A 23 15.28 -5.51 2.99
N ASP A 24 15.32 -6.25 4.11
CA ASP A 24 15.15 -7.70 4.06
C ASP A 24 13.71 -8.15 4.02
N LEU A 25 12.77 -7.27 4.34
CA LEU A 25 11.38 -7.67 4.45
C LEU A 25 10.54 -7.27 3.26
N SER A 26 10.72 -6.07 2.73
CA SER A 26 9.83 -5.50 1.73
C SER A 26 10.33 -5.80 0.33
N ASN A 27 9.38 -5.90 -0.58
CA ASN A 27 9.64 -6.31 -1.93
C ASN A 27 10.49 -5.24 -2.58
N GLN A 28 11.21 -5.64 -3.63
CA GLN A 28 12.24 -4.81 -4.19
C GLN A 28 11.66 -3.51 -4.67
N ASP A 29 10.48 -3.57 -5.25
CA ASP A 29 9.82 -2.39 -5.74
C ASP A 29 9.47 -1.40 -4.63
N ILE A 30 9.08 -1.92 -3.48
CA ILE A 30 8.58 -1.09 -2.38
C ILE A 30 9.59 -0.10 -1.83
N CYS A 31 10.85 -0.49 -1.74
CA CYS A 31 11.84 0.40 -1.16
C CYS A 31 13.10 0.48 -2.00
N LEU A 32 13.80 1.59 -1.84
CA LEU A 32 15.03 1.87 -2.54
C LEU A 32 16.23 1.14 -1.92
N GLU A 33 17.32 1.08 -2.66
CA GLU A 33 18.49 0.29 -2.27
C GLU A 33 19.03 0.78 -0.94
N ASP A 34 18.98 2.08 -0.72
CA ASP A 34 19.40 2.63 0.56
C ASP A 34 18.54 2.06 1.65
N GLY A 35 17.32 1.68 1.28
CA GLY A 35 16.33 1.20 2.21
C GLY A 35 15.22 2.18 2.52
N ALA A 36 15.24 3.34 1.88
CA ALA A 36 14.15 4.29 1.98
C ALA A 36 12.98 3.71 1.19
N LEU A 37 11.78 4.22 1.43
CA LEU A 37 10.59 3.68 0.77
C LEU A 37 10.21 4.54 -0.39
N ASN A 38 10.00 3.92 -1.55
CA ASN A 38 9.79 4.70 -2.76
C ASN A 38 8.34 4.98 -3.03
N HIS A 39 7.98 6.24 -2.89
CA HIS A 39 6.61 6.69 -3.08
C HIS A 39 6.05 6.42 -4.47
N SER A 40 6.89 6.14 -5.46
CA SER A 40 6.36 5.77 -6.78
C SER A 40 5.43 4.58 -6.66
N TYR A 41 5.89 3.53 -5.96
CA TYR A 41 5.14 2.29 -5.87
C TYR A 41 3.80 2.52 -5.21
N PHE A 42 3.73 3.50 -4.33
CA PHE A 42 2.57 3.65 -3.49
C PHE A 42 1.55 4.61 -4.05
N LEU A 43 1.93 5.41 -5.03
CA LEU A 43 0.93 6.23 -5.68
C LEU A 43 0.20 5.41 -6.75
N THR A 44 0.93 4.57 -7.47
CA THR A 44 0.29 3.65 -8.40
C THR A 44 -0.48 2.55 -7.69
N LYS A 45 -1.53 2.11 -8.32
CA LYS A 45 -2.40 1.09 -7.80
C LYS A 45 -1.59 -0.12 -7.74
N LYS A 46 -1.96 -1.02 -6.88
CA LYS A 46 -1.10 -2.13 -6.58
C LYS A 46 -1.24 -3.08 -7.66
N GLY A 47 -0.11 -3.60 -8.08
CA GLY A 47 -0.07 -4.55 -9.14
C GLY A 47 0.07 -3.85 -10.48
N GLN A 48 0.04 -2.53 -10.46
CA GLN A 48 0.13 -1.83 -11.74
C GLN A 48 1.44 -1.07 -11.86
N TYR A 49 2.37 -1.32 -10.95
CA TYR A 49 3.61 -0.58 -10.88
C TYR A 49 4.44 -0.79 -12.13
N TRP A 50 5.10 0.27 -12.55
CA TRP A 50 5.92 0.23 -13.76
C TRP A 50 7.38 0.30 -13.32
N THR A 51 8.07 -0.83 -13.39
CA THR A 51 9.41 -0.85 -12.81
C THR A 51 10.43 -0.25 -13.77
N PRO A 52 11.45 0.43 -13.24
CA PRO A 52 12.57 0.83 -14.10
C PRO A 52 12.93 -0.22 -15.10
N LEU A 53 13.06 -1.44 -14.62
CA LEU A 53 13.60 -2.47 -15.49
C LEU A 53 12.67 -2.74 -16.64
N ASN A 54 11.37 -2.64 -16.45
CA ASN A 54 10.56 -2.92 -17.63
C ASN A 54 10.33 -1.67 -18.45
N GLN A 55 10.67 -0.50 -17.89
CA GLN A 55 10.85 0.69 -18.72
C GLN A 55 11.97 0.49 -19.74
N LYS A 56 13.07 -0.08 -19.31
CA LYS A 56 14.14 -0.30 -20.26
C LYS A 56 13.56 -1.17 -21.35
N ALA A 57 12.65 -2.03 -20.97
CA ALA A 57 12.12 -3.00 -21.89
C ALA A 57 11.23 -2.35 -22.90
N LEU A 58 10.46 -1.34 -22.49
CA LEU A 58 9.69 -0.61 -23.48
C LEU A 58 10.62 0.02 -24.50
N GLN A 59 11.60 0.79 -24.01
CA GLN A 59 12.59 1.41 -24.85
C GLN A 59 13.24 0.40 -25.76
N ARG A 60 13.66 -0.71 -25.20
CA ARG A 60 14.19 -1.77 -26.05
C ARG A 60 13.17 -2.24 -27.06
N GLY A 61 11.89 -2.23 -26.72
CA GLY A 61 10.91 -2.82 -27.62
C GLY A 61 10.68 -1.99 -28.86
N ILE A 62 10.59 -0.67 -28.67
CA ILE A 62 10.53 0.28 -29.77
C ILE A 62 11.69 0.14 -30.73
N GLU A 63 12.90 -0.06 -30.22
CA GLU A 63 14.05 -0.27 -31.08
C GLU A 63 13.92 -1.53 -31.92
N LEU A 64 13.30 -2.57 -31.38
CA LEU A 64 13.20 -3.80 -32.15
C LEU A 64 11.97 -3.81 -33.05
N PHE A 65 10.82 -3.45 -32.52
CA PHE A 65 9.60 -3.64 -33.29
C PHE A 65 8.93 -2.37 -33.80
N GLY A 66 9.26 -1.25 -33.18
CA GLY A 66 8.76 0.01 -33.66
C GLY A 66 7.52 0.44 -32.93
N VAL A 67 7.25 1.73 -32.99
CA VAL A 67 6.14 2.31 -32.30
C VAL A 67 4.86 1.76 -32.88
N GLY A 68 3.84 1.63 -32.06
CA GLY A 68 2.56 1.14 -32.52
C GLY A 68 2.65 -0.31 -32.97
N ASN A 69 3.59 -1.02 -32.41
CA ASN A 69 3.76 -2.42 -32.68
C ASN A 69 3.49 -3.21 -31.44
N TRP A 70 2.59 -2.68 -30.62
CA TRP A 70 2.43 -3.12 -29.25
C TRP A 70 2.11 -4.58 -29.14
N LYS A 71 1.25 -5.06 -30.02
CA LYS A 71 0.88 -6.47 -29.95
C LYS A 71 2.13 -7.32 -30.20
N GLU A 72 2.90 -6.99 -31.24
CA GLU A 72 4.17 -7.67 -31.46
C GLU A 72 5.18 -7.38 -30.34
N ILE A 73 5.26 -6.12 -29.94
CA ILE A 73 6.14 -5.69 -28.86
C ILE A 73 5.74 -6.28 -27.52
N ASN A 74 4.45 -6.42 -27.32
CA ASN A 74 3.98 -6.89 -26.03
C ASN A 74 4.45 -8.29 -25.70
N TYR A 75 4.41 -9.22 -26.65
CA TYR A 75 4.79 -10.58 -26.33
C TYR A 75 6.24 -10.64 -25.90
N ASP A 76 7.10 -9.95 -26.64
CA ASP A 76 8.53 -10.04 -26.40
C ASP A 76 9.02 -9.49 -25.09
N GLU A 77 8.54 -8.32 -24.68
CA GLU A 77 9.14 -7.67 -23.54
C GLU A 77 8.29 -7.58 -22.28
N PHE A 78 6.98 -7.55 -22.43
CA PHE A 78 6.10 -7.60 -21.28
C PHE A 78 5.24 -8.83 -21.41
N SER A 79 5.51 -9.86 -20.63
CA SER A 79 4.96 -11.16 -20.98
C SER A 79 3.43 -11.20 -20.99
N GLY A 80 2.76 -10.68 -19.96
CA GLY A 80 1.32 -10.64 -20.00
C GLY A 80 0.82 -9.64 -21.02
N LYS A 81 1.39 -8.45 -20.94
CA LYS A 81 1.96 -8.01 -19.68
C LYS A 81 1.27 -6.79 -19.12
N ALA A 82 1.16 -5.77 -19.96
CA ALA A 82 0.81 -4.44 -19.48
C ALA A 82 -0.19 -3.76 -20.37
N ASN A 83 -0.85 -2.76 -19.81
CA ASN A 83 -1.92 -2.09 -20.51
C ASN A 83 -1.38 -1.63 -21.84
N ILE A 84 -2.10 -1.95 -22.89
CA ILE A 84 -1.69 -1.57 -24.22
C ILE A 84 -1.69 -0.06 -24.29
N VAL A 85 -2.65 0.55 -23.62
CA VAL A 85 -2.69 2.00 -23.49
C VAL A 85 -1.50 2.54 -22.73
N GLU A 86 -1.08 1.84 -21.69
CA GLU A 86 0.01 2.36 -20.87
C GLU A 86 1.24 2.48 -21.72
N LEU A 87 1.47 1.47 -22.55
CA LEU A 87 2.56 1.55 -23.52
C LEU A 87 2.49 2.83 -24.31
N GLU A 88 1.43 3.03 -25.06
CA GLU A 88 1.40 4.17 -25.95
C GLU A 88 1.58 5.44 -25.15
N LEU A 89 0.98 5.51 -23.97
CA LEU A 89 1.14 6.70 -23.14
C LEU A 89 2.59 6.90 -22.75
N ARG A 90 3.25 5.82 -22.37
CA ARG A 90 4.66 5.85 -21.98
C ARG A 90 5.60 6.21 -23.11
N THR A 91 5.29 5.72 -24.31
CA THR A 91 6.02 6.05 -25.52
C THR A 91 5.89 7.53 -25.87
N CYS A 92 4.74 8.11 -25.59
CA CYS A 92 4.54 9.53 -25.85
C CYS A 92 5.55 10.25 -25.00
N MET A 93 5.78 9.75 -23.80
CA MET A 93 6.80 10.28 -22.91
C MET A 93 8.24 10.10 -23.39
N ILE A 94 8.55 8.96 -23.98
CA ILE A 94 9.89 8.70 -24.44
C ILE A 94 10.27 9.68 -25.53
N LEU A 95 9.33 9.99 -26.42
CA LEU A 95 9.60 10.88 -27.52
C LEU A 95 9.29 12.34 -27.23
N GLY A 96 8.74 12.62 -26.07
CA GLY A 96 8.58 13.99 -25.63
C GLY A 96 7.50 14.75 -26.34
N ILE A 97 6.65 14.03 -27.06
CA ILE A 97 5.50 14.65 -27.70
C ILE A 97 4.24 14.14 -27.02
N ASN A 98 3.09 14.76 -27.29
CA ASN A 98 1.82 14.21 -26.82
C ASN A 98 0.97 13.58 -27.91
N ASP A 99 1.35 13.78 -29.16
CA ASP A 99 0.72 13.07 -30.26
C ASP A 99 1.79 12.20 -30.85
N ILE A 100 1.63 10.89 -30.75
CA ILE A 100 2.68 9.96 -31.12
C ILE A 100 2.43 9.42 -32.52
N THR A 101 1.39 9.94 -33.16
CA THR A 101 0.88 9.44 -34.41
C THR A 101 1.93 9.52 -35.51
N GLU A 102 2.71 10.59 -35.45
CA GLU A 102 3.70 10.95 -36.44
C GLU A 102 4.80 9.89 -36.57
N TYR A 103 5.15 9.27 -35.46
CA TYR A 103 6.22 8.28 -35.36
C TYR A 103 5.83 6.83 -35.58
N TYR A 104 4.55 6.57 -35.81
CA TYR A 104 4.04 5.21 -35.80
C TYR A 104 4.67 4.30 -36.84
N GLY A 105 4.93 3.07 -36.45
CA GLY A 105 5.37 2.04 -37.36
C GLY A 105 6.84 2.11 -37.65
N LYS A 106 7.49 3.04 -36.98
CA LYS A 106 8.90 3.31 -37.17
C LYS A 106 9.65 2.75 -36.01
N LYS A 107 10.66 1.94 -36.25
CA LYS A 107 11.44 1.44 -35.12
C LYS A 107 12.57 2.41 -34.86
N ILE A 108 12.67 2.87 -33.62
CA ILE A 108 13.58 3.93 -33.25
C ILE A 108 14.57 3.45 -32.22
N SER A 109 15.85 3.67 -32.48
CA SER A 109 16.90 3.25 -31.59
C SER A 109 16.89 4.09 -30.33
N GLU A 110 17.47 3.56 -29.27
CA GLU A 110 17.48 4.24 -28.01
C GLU A 110 18.22 5.53 -28.13
N GLU A 111 19.25 5.51 -28.96
CA GLU A 111 20.05 6.68 -29.25
C GLU A 111 19.18 7.75 -29.86
N GLU A 112 18.23 7.33 -30.68
CA GLU A 112 17.41 8.23 -31.43
C GLU A 112 16.18 8.66 -30.70
N GLN A 113 15.61 7.79 -29.87
CA GLN A 113 14.55 8.22 -28.98
C GLN A 113 15.02 9.34 -28.09
N GLU A 114 16.27 9.29 -27.68
CA GLU A 114 16.84 10.36 -26.88
C GLU A 114 16.88 11.66 -27.63
N GLU A 115 17.27 11.61 -28.90
CA GLU A 115 17.29 12.79 -29.74
C GLU A 115 15.92 13.38 -30.02
N ILE A 116 14.98 12.51 -30.34
CA ILE A 116 13.66 12.97 -30.71
C ILE A 116 13.05 13.64 -29.53
N LYS A 117 13.23 13.05 -28.37
CA LYS A 117 12.74 13.63 -27.16
C LYS A 117 13.45 14.95 -26.89
N LYS A 118 14.76 14.97 -27.09
CA LYS A 118 15.51 16.19 -26.84
C LYS A 118 15.08 17.26 -27.80
N SER A 119 14.94 16.89 -29.06
CA SER A 119 14.54 17.80 -30.11
C SER A 119 13.12 18.29 -29.97
N ASN A 120 12.20 17.38 -29.69
CA ASN A 120 10.81 17.73 -29.59
C ASN A 120 10.56 18.68 -28.45
N ILE A 121 11.25 18.47 -27.35
CA ILE A 121 11.14 19.37 -26.21
C ILE A 121 11.68 20.76 -26.46
N ALA A 122 12.82 20.88 -27.12
CA ALA A 122 13.38 22.18 -27.33
C ALA A 122 12.42 22.97 -28.18
N LYS A 123 11.89 22.34 -29.21
CA LYS A 123 10.98 22.98 -30.13
C LYS A 123 9.72 23.41 -29.40
N GLY A 124 9.24 22.56 -28.51
CA GLY A 124 8.06 22.88 -27.75
C GLY A 124 8.28 24.08 -26.86
N LYS A 125 9.45 24.15 -26.24
CA LYS A 125 9.77 25.24 -25.34
C LYS A 125 9.82 26.60 -26.04
N LYS A 126 10.39 26.65 -27.24
CA LYS A 126 10.40 27.87 -28.03
C LYS A 126 9.00 28.27 -28.46
N GLU A 127 8.23 27.31 -28.90
CA GLU A 127 6.89 27.53 -29.39
C GLU A 127 6.01 27.89 -28.22
N ASN A 128 6.53 27.63 -27.04
CA ASN A 128 5.76 27.86 -25.83
C ASN A 128 4.53 26.99 -25.81
N LYS A 129 4.69 25.79 -26.34
CA LYS A 129 3.65 24.77 -26.27
C LYS A 129 4.29 23.50 -25.76
N LEU A 130 4.85 23.60 -24.57
CA LEU A 130 5.39 22.46 -23.86
C LEU A 130 4.77 22.51 -22.48
N LYS A 131 4.01 21.48 -22.14
CA LYS A 131 3.39 21.38 -20.84
C LYS A 131 3.87 20.12 -20.17
N ASP A 132 4.36 20.24 -18.94
CA ASP A 132 4.77 19.06 -18.19
C ASP A 132 5.91 18.32 -18.86
N ASN A 133 6.75 19.07 -19.58
CA ASN A 133 7.91 18.51 -20.25
C ASN A 133 7.56 17.66 -21.45
N ILE A 134 6.34 17.79 -21.94
CA ILE A 134 5.89 17.11 -23.14
C ILE A 134 5.41 18.18 -24.11
N TYR A 135 5.84 18.09 -25.36
CA TYR A 135 5.43 19.02 -26.40
C TYR A 135 3.99 18.74 -26.84
N GLN A 136 3.16 19.77 -26.90
CA GLN A 136 1.77 19.62 -27.31
C GLN A 136 1.61 19.78 -28.80
N LYS A 137 0.81 18.94 -29.44
CA LYS A 137 0.81 18.96 -30.88
C LYS A 137 -0.51 19.37 -31.47
N LEU A 138 -0.42 20.34 -32.38
CA LEU A 138 -1.58 20.96 -33.02
C LEU A 138 -2.33 20.02 -33.96
N GLN A 139 -3.65 20.13 -33.94
CA GLN A 139 -4.49 19.31 -34.79
C GLN A 139 -5.49 20.15 -35.57
N LEU B 17 -20.04 12.03 -29.76
CA LEU B 17 -19.49 13.03 -30.68
C LEU B 17 -18.00 12.80 -30.80
N LEU B 18 -17.50 12.68 -32.01
CA LEU B 18 -16.11 12.33 -32.21
C LEU B 18 -15.19 13.39 -31.65
N GLN B 19 -15.55 14.64 -31.87
CA GLN B 19 -14.73 15.76 -31.43
C GLN B 19 -14.60 15.86 -29.91
N ASP B 20 -15.70 15.69 -29.19
CA ASP B 20 -15.64 15.74 -27.74
C ASP B 20 -14.78 14.61 -27.19
N ILE B 21 -15.03 13.42 -27.70
CA ILE B 21 -14.34 12.24 -27.22
C ILE B 21 -12.85 12.36 -27.50
N GLU B 22 -12.52 12.87 -28.67
CA GLU B 22 -11.14 13.12 -29.01
C GLU B 22 -10.59 14.14 -28.04
N LYS B 23 -11.43 15.09 -27.64
CA LYS B 23 -11.04 16.13 -26.69
C LYS B 23 -10.66 15.63 -25.32
N ARG B 24 -11.51 14.79 -24.73
CA ARG B 24 -11.26 14.24 -23.40
C ARG B 24 -9.94 13.48 -23.38
N ILE B 25 -9.70 12.67 -24.41
CA ILE B 25 -8.54 11.80 -24.48
C ILE B 25 -7.26 12.58 -24.27
N LEU B 26 -7.08 13.65 -25.03
CA LEU B 26 -5.88 14.47 -24.87
C LEU B 26 -5.90 15.20 -23.55
N HIS B 27 -7.06 15.71 -23.14
CA HIS B 27 -7.09 16.30 -21.83
C HIS B 27 -6.63 15.30 -20.81
N TYR B 28 -7.02 14.04 -20.97
CA TYR B 28 -6.71 13.02 -19.99
C TYR B 28 -5.25 12.61 -19.97
N LYS B 29 -4.66 12.29 -21.11
CA LYS B 29 -3.26 11.92 -21.13
C LYS B 29 -2.39 12.96 -20.44
N GLN B 30 -2.82 14.21 -20.47
CA GLN B 30 -1.99 15.27 -19.90
C GLN B 30 -1.81 15.08 -18.41
N LEU B 31 -2.87 14.68 -17.71
CA LEU B 31 -2.78 14.46 -16.28
C LEU B 31 -1.71 13.44 -15.99
N PHE B 32 -1.75 12.36 -16.74
CA PHE B 32 -0.77 11.32 -16.58
C PHE B 32 0.62 11.86 -16.79
N PHE B 33 0.80 12.57 -17.90
CA PHE B 33 2.06 13.23 -18.13
C PHE B 33 2.41 14.16 -16.99
N LYS B 34 1.42 14.82 -16.42
CA LYS B 34 1.72 15.67 -15.30
C LYS B 34 2.14 14.82 -14.11
N GLU B 35 1.25 13.92 -13.68
CA GLU B 35 1.52 13.11 -12.49
C GLU B 35 2.86 12.39 -12.60
N GLN B 36 3.02 11.50 -13.60
CA GLN B 36 4.27 10.79 -13.82
C GLN B 36 5.48 11.68 -13.74
N ASN B 37 5.29 12.95 -14.07
CA ASN B 37 6.30 14.00 -13.90
C ASN B 37 6.62 14.46 -12.47
N GLU B 38 5.58 14.68 -11.68
CA GLU B 38 5.75 15.09 -10.30
C GLU B 38 6.41 13.97 -9.54
N ILE B 39 6.00 12.76 -9.86
CA ILE B 39 6.52 11.58 -9.20
C ILE B 39 8.01 11.56 -9.47
N ALA B 40 8.38 11.94 -10.68
CA ALA B 40 9.78 11.99 -11.08
C ALA B 40 10.48 13.01 -10.22
N ASN B 41 9.72 14.01 -9.79
CA ASN B 41 10.23 15.14 -9.05
C ASN B 41 10.11 14.96 -7.55
N GLY B 42 9.84 13.74 -7.11
CA GLY B 42 9.79 13.46 -5.70
C GLY B 42 8.47 13.63 -4.98
N LYS B 43 7.38 13.67 -5.72
CA LYS B 43 6.08 13.84 -5.10
C LYS B 43 5.88 12.72 -4.11
N ARG B 44 5.42 13.08 -2.92
CA ARG B 44 5.33 12.19 -1.76
C ARG B 44 4.21 11.16 -1.87
N SER B 45 4.37 10.04 -1.17
CA SER B 45 3.27 9.09 -1.07
C SER B 45 2.39 9.56 0.06
N MSE B 46 1.15 9.11 0.06
CA MSE B 46 0.25 9.40 1.15
C MSE B 46 0.85 8.78 2.39
O MSE B 46 0.72 9.35 3.49
CB MSE B 46 -1.13 8.86 0.83
CG MSE B 46 -2.27 9.83 1.12
SE MSE B 46 -1.69 11.72 1.14
CE MSE B 46 -1.41 11.92 3.07
N VAL B 47 1.47 7.62 2.23
CA VAL B 47 1.97 6.84 3.34
C VAL B 47 3.00 7.60 4.15
N PRO B 48 2.88 7.46 5.55
CA PRO B 48 3.96 8.13 6.29
C PRO B 48 5.27 7.41 6.09
N ASP B 49 6.36 8.17 6.15
CA ASP B 49 7.69 7.66 5.83
C ASP B 49 8.18 6.54 6.72
N ASN B 50 7.76 6.57 7.99
CA ASN B 50 8.24 5.62 8.98
C ASN B 50 7.57 4.26 8.96
N SER B 51 6.50 4.11 8.21
CA SER B 51 5.79 2.84 8.13
C SER B 51 6.59 1.80 7.37
N ILE B 52 6.34 0.54 7.63
CA ILE B 52 7.16 -0.54 7.09
C ILE B 52 6.30 -1.58 6.40
N PRO B 53 5.69 -1.14 5.21
CA PRO B 53 4.82 -2.14 4.59
C PRO B 53 5.54 -3.38 4.09
N ILE B 54 4.92 -4.54 4.20
CA ILE B 54 5.42 -5.78 3.64
C ILE B 54 4.30 -6.51 2.92
N CYS B 55 4.55 -7.00 1.72
CA CYS B 55 3.50 -7.71 0.99
C CYS B 55 3.79 -9.19 0.97
N SER B 56 2.86 -9.95 1.50
CA SER B 56 3.00 -11.38 1.57
C SER B 56 1.62 -11.92 1.84
N ASP B 57 1.50 -13.24 1.79
CA ASP B 57 0.35 -13.87 2.38
C ASP B 57 0.88 -14.56 3.60
N VAL B 58 0.16 -14.46 4.70
CA VAL B 58 0.64 -14.96 5.97
C VAL B 58 0.88 -16.44 5.88
N THR B 59 0.02 -17.14 5.16
CA THR B 59 0.15 -18.57 5.07
C THR B 59 1.51 -18.85 4.46
N LYS B 60 1.82 -18.10 3.42
CA LYS B 60 3.12 -18.15 2.78
C LYS B 60 4.23 -17.68 3.70
N LEU B 61 3.94 -16.66 4.49
CA LEU B 61 4.96 -15.99 5.27
C LEU B 61 5.65 -16.87 6.28
N ASN B 62 6.96 -16.68 6.39
CA ASN B 62 7.75 -17.29 7.44
C ASN B 62 7.97 -16.13 8.39
N PHE B 63 7.57 -16.30 9.64
CA PHE B 63 7.60 -15.22 10.58
C PHE B 63 8.95 -15.16 11.27
N GLN B 64 9.79 -16.13 10.97
CA GLN B 64 11.13 -16.15 11.53
C GLN B 64 11.91 -14.95 11.04
N ALA B 65 11.73 -14.65 9.76
CA ALA B 65 12.46 -13.56 9.14
C ALA B 65 12.07 -12.26 9.79
N LEU B 66 10.78 -12.10 10.05
CA LEU B 66 10.30 -10.91 10.71
C LEU B 66 10.80 -10.81 12.14
N ILE B 67 10.81 -11.94 12.84
CA ILE B 67 11.34 -11.96 14.19
C ILE B 67 12.82 -11.69 14.26
N ASP B 68 13.58 -12.26 13.33
CA ASP B 68 15.01 -12.10 13.36
C ASP B 68 15.34 -10.63 13.19
N ALA B 69 14.69 -10.00 12.24
CA ALA B 69 14.96 -8.62 11.93
C ALA B 69 14.52 -7.74 13.06
N GLN B 70 13.34 -8.00 13.61
CA GLN B 70 12.84 -7.14 14.67
C GLN B 70 13.73 -7.21 15.89
N MSE B 71 14.17 -8.41 16.22
CA MSE B 71 15.02 -8.58 17.37
C MSE B 71 16.29 -7.85 17.07
O MSE B 71 16.84 -7.15 17.95
CB MSE B 71 15.26 -10.07 17.59
CG MSE B 71 15.20 -10.50 19.06
SE MSE B 71 14.08 -9.30 20.15
CE MSE B 71 14.86 -9.67 21.90
N ARG B 72 16.75 -7.97 15.84
CA ARG B 72 18.01 -7.40 15.40
C ARG B 72 18.06 -5.88 15.44
N HIS B 73 17.00 -5.23 15.01
CA HIS B 73 17.02 -3.77 14.97
C HIS B 73 16.34 -3.10 16.14
N ALA B 74 15.67 -3.89 16.97
CA ALA B 74 15.09 -3.35 18.19
C ALA B 74 15.52 -4.06 19.46
N GLY B 75 15.95 -5.31 19.34
CA GLY B 75 16.28 -6.11 20.50
C GLY B 75 15.07 -6.21 21.41
N LYS B 76 13.90 -6.30 20.80
CA LYS B 76 12.62 -6.17 21.47
C LYS B 76 11.57 -6.96 20.71
N MSE B 77 10.34 -6.91 21.21
CA MSE B 77 9.24 -7.60 20.56
C MSE B 77 8.06 -6.69 20.54
O MSE B 77 8.07 -5.65 21.22
CB MSE B 77 8.94 -8.95 21.17
CG MSE B 77 9.81 -10.05 20.56
SE MSE B 77 10.06 -9.78 18.64
CE MSE B 77 11.06 -11.37 18.13
N PHE B 78 7.06 -7.00 19.74
CA PHE B 78 5.99 -6.06 19.51
C PHE B 78 5.16 -5.73 20.73
N ASP B 79 5.00 -4.44 20.95
CA ASP B 79 4.13 -3.90 21.97
C ASP B 79 2.67 -4.17 21.70
N VAL B 80 2.28 -4.11 20.44
CA VAL B 80 0.88 -4.27 20.08
C VAL B 80 0.80 -5.08 18.78
N ILE B 81 -0.32 -5.77 18.59
CA ILE B 81 -0.61 -6.46 17.34
C ILE B 81 -2.05 -6.15 16.97
N MSE B 82 -2.34 -6.02 15.68
CA MSE B 82 -3.76 -5.88 15.32
C MSE B 82 -4.18 -6.84 14.26
O MSE B 82 -3.34 -7.41 13.56
CB MSE B 82 -4.12 -4.49 14.83
CG MSE B 82 -4.60 -3.56 15.88
SE MSE B 82 -5.99 -2.29 15.33
CE MSE B 82 -5.12 -1.62 13.79
N MSE B 83 -5.48 -7.01 14.11
CA MSE B 83 -5.99 -7.99 13.20
C MSE B 83 -7.40 -7.75 12.78
O MSE B 83 -8.25 -7.33 13.57
CB MSE B 83 -5.93 -9.31 13.93
CG MSE B 83 -5.45 -10.42 13.02
SE MSE B 83 -4.99 -11.88 14.21
CE MSE B 83 -5.75 -13.38 13.23
N ASP B 84 -7.65 -8.00 11.50
CA ASP B 84 -8.97 -8.06 10.93
C ASP B 84 -9.00 -9.31 10.08
N PRO B 85 -9.15 -10.53 10.77
CA PRO B 85 -8.87 -11.70 9.91
C PRO B 85 -9.84 -11.82 8.77
N PRO B 86 -9.31 -12.36 7.59
CA PRO B 86 -10.29 -12.46 6.51
C PRO B 86 -11.02 -13.76 6.64
N TRP B 87 -12.07 -13.75 7.46
CA TRP B 87 -12.79 -14.96 7.76
C TRP B 87 -13.55 -15.36 6.52
N GLN B 88 -13.91 -16.63 6.43
CA GLN B 88 -14.73 -17.09 5.32
C GLN B 88 -16.05 -16.33 5.32
N ALA B 101 -10.05 -8.21 5.67
CA ALA B 101 -11.41 -8.73 5.77
C ALA B 101 -11.86 -9.39 4.47
N TYR B 102 -12.60 -10.48 4.58
CA TYR B 102 -13.19 -11.13 3.41
C TYR B 102 -12.21 -11.53 2.29
N ASP B 103 -11.05 -12.09 2.66
CA ASP B 103 -10.15 -12.68 1.68
C ASP B 103 -10.18 -14.20 1.82
N SER B 104 -11.11 -14.67 2.64
CA SER B 104 -11.51 -16.07 2.73
C SER B 104 -10.42 -17.10 3.06
N LEU B 105 -9.66 -16.85 4.11
CA LEU B 105 -8.69 -17.85 4.55
C LEU B 105 -9.37 -18.96 5.32
N SER B 106 -8.76 -20.14 5.36
CA SER B 106 -9.34 -21.21 6.12
C SER B 106 -9.36 -20.76 7.56
N ASP B 107 -10.40 -21.12 8.29
CA ASP B 107 -10.53 -20.65 9.64
C ASP B 107 -9.37 -21.16 10.48
N GLU B 108 -8.99 -22.41 10.24
CA GLU B 108 -7.87 -23.02 10.96
C GLU B 108 -6.55 -22.33 10.68
N LYS B 109 -6.35 -21.92 9.45
CA LYS B 109 -5.11 -21.29 9.06
C LYS B 109 -4.91 -20.02 9.84
N ILE B 110 -5.98 -19.28 10.05
CA ILE B 110 -5.86 -18.06 10.84
C ILE B 110 -5.55 -18.43 12.25
N GLN B 111 -6.28 -19.41 12.74
CA GLN B 111 -6.13 -19.85 14.11
C GLN B 111 -4.75 -20.39 14.36
N ASN B 112 -4.18 -21.05 13.36
CA ASN B 112 -2.95 -21.80 13.50
C ASN B 112 -1.71 -20.97 13.22
N MSE B 113 -1.87 -19.66 13.02
CA MSE B 113 -0.75 -18.76 12.77
C MSE B 113 0.09 -18.71 14.01
O MSE B 113 -0.47 -18.85 15.09
CB MSE B 113 -1.28 -17.35 12.56
CG MSE B 113 -1.44 -16.96 11.11
SE MSE B 113 -2.17 -15.14 10.99
CE MSE B 113 -0.89 -14.25 12.16
N PRO B 114 1.47 -18.54 13.83
CA PRO B 114 2.21 -18.58 15.10
C PRO B 114 2.35 -17.23 15.76
N ILE B 115 1.24 -16.65 16.20
CA ILE B 115 1.29 -15.33 16.80
C ILE B 115 2.09 -15.29 18.09
N GLN B 116 2.13 -16.40 18.81
CA GLN B 116 2.76 -16.41 20.12
C GLN B 116 4.23 -16.04 20.05
N SER B 117 4.92 -16.49 19.01
CA SER B 117 6.31 -16.12 18.77
C SER B 117 6.47 -14.64 18.54
N LEU B 118 5.51 -14.02 17.88
CA LEU B 118 5.58 -12.63 17.47
C LEU B 118 5.69 -11.63 18.61
N GLN B 119 4.99 -11.85 19.70
CA GLN B 119 5.13 -10.97 20.85
C GLN B 119 5.16 -11.70 22.20
N GLN B 120 5.92 -11.17 23.14
CA GLN B 120 6.09 -11.80 24.44
C GLN B 120 5.47 -11.07 25.63
N ASP B 121 5.48 -9.74 25.62
CA ASP B 121 4.94 -8.95 26.73
C ASP B 121 4.07 -7.77 26.26
N GLY B 122 2.88 -8.04 25.75
CA GLY B 122 2.08 -6.96 25.17
C GLY B 122 0.61 -7.19 24.96
N PHE B 123 -0.09 -6.16 24.50
CA PHE B 123 -1.46 -6.26 24.04
C PHE B 123 -1.65 -6.81 22.62
N ILE B 124 -2.87 -7.24 22.33
CA ILE B 124 -3.32 -7.66 21.00
C ILE B 124 -4.73 -7.12 20.74
N PHE B 125 -5.00 -6.65 19.52
CA PHE B 125 -6.30 -6.22 19.10
C PHE B 125 -6.76 -7.06 17.96
N VAL B 126 -8.06 -7.27 17.87
CA VAL B 126 -8.62 -8.16 16.87
C VAL B 126 -10.06 -7.81 16.66
N TRP B 127 -10.46 -7.76 15.40
CA TRP B 127 -11.77 -7.25 15.10
C TRP B 127 -12.65 -8.44 14.82
N ALA B 128 -13.72 -8.55 15.57
CA ALA B 128 -14.57 -9.69 15.44
C ALA B 128 -15.91 -9.28 14.89
N ILE B 129 -16.25 -9.84 13.76
CA ILE B 129 -17.58 -9.66 13.23
C ILE B 129 -18.42 -10.49 14.15
N ASN B 130 -19.71 -10.20 14.23
CA ASN B 130 -20.55 -10.84 15.21
C ASN B 130 -20.61 -12.34 15.01
N ALA B 131 -20.39 -12.77 13.78
CA ALA B 131 -20.32 -14.18 13.45
C ALA B 131 -19.15 -14.88 14.13
N LYS B 132 -18.04 -14.19 14.28
CA LYS B 132 -16.84 -14.86 14.73
C LYS B 132 -16.52 -14.52 16.16
N TYR B 133 -17.37 -13.74 16.81
CA TYR B 133 -17.03 -13.11 18.08
C TYR B 133 -16.58 -14.14 19.10
N ARG B 134 -17.38 -15.17 19.33
CA ARG B 134 -16.92 -16.19 20.25
C ARG B 134 -15.62 -16.82 19.77
N VAL B 135 -15.61 -17.30 18.53
CA VAL B 135 -14.47 -18.02 18.01
C VAL B 135 -13.21 -17.22 18.22
N THR B 136 -13.26 -15.92 17.91
CA THR B 136 -12.14 -15.01 18.13
C THR B 136 -11.63 -15.08 19.56
N ILE B 137 -12.54 -15.02 20.54
CA ILE B 137 -12.23 -15.14 21.94
C ILE B 137 -11.39 -16.37 22.17
N LYS B 138 -11.84 -17.49 21.66
CA LYS B 138 -11.20 -18.76 21.88
C LYS B 138 -9.83 -18.70 21.26
N MSE B 139 -9.71 -17.92 20.21
CA MSE B 139 -8.47 -17.77 19.49
C MSE B 139 -7.38 -17.04 20.18
O MSE B 139 -6.24 -17.50 20.13
CB MSE B 139 -8.80 -16.96 18.26
CG MSE B 139 -8.20 -17.60 17.04
SE MSE B 139 -8.24 -16.18 15.73
CE MSE B 139 -8.98 -17.30 14.34
N ILE B 140 -7.67 -15.90 20.79
CA ILE B 140 -6.69 -15.15 21.55
C ILE B 140 -6.26 -15.89 22.79
N GLU B 141 -7.20 -16.55 23.44
CA GLU B 141 -6.91 -17.35 24.62
C GLU B 141 -5.97 -18.46 24.26
N ASN B 142 -6.14 -19.04 23.08
CA ASN B 142 -5.26 -20.08 22.61
C ASN B 142 -3.85 -19.60 22.44
N TRP B 143 -3.71 -18.37 21.99
CA TRP B 143 -2.40 -17.78 21.76
C TRP B 143 -1.85 -17.26 23.07
N GLY B 144 -2.56 -17.51 24.16
CA GLY B 144 -2.10 -17.18 25.49
C GLY B 144 -2.51 -15.86 26.06
N TYR B 145 -3.38 -15.16 25.38
CA TYR B 145 -3.89 -13.89 25.87
C TYR B 145 -5.01 -13.99 26.91
N LYS B 146 -5.16 -12.93 27.69
CA LYS B 146 -6.22 -12.83 28.67
C LYS B 146 -7.11 -11.71 28.23
N LEU B 147 -8.39 -11.99 28.06
CA LEU B 147 -9.29 -11.00 27.52
C LEU B 147 -9.48 -10.00 28.62
N VAL B 148 -9.21 -8.72 28.35
CA VAL B 148 -9.43 -7.72 29.36
C VAL B 148 -10.37 -6.60 28.97
N ASP B 149 -10.46 -6.28 27.69
CA ASP B 149 -11.30 -5.18 27.26
C ASP B 149 -11.82 -5.37 25.85
N GLU B 150 -12.92 -4.70 25.54
CA GLU B 150 -13.47 -4.70 24.19
C GLU B 150 -13.75 -3.26 23.78
N ILE B 151 -13.25 -2.86 22.63
CA ILE B 151 -13.54 -1.55 22.07
C ILE B 151 -14.82 -1.63 21.27
N THR B 152 -15.63 -0.61 21.34
CA THR B 152 -16.83 -0.64 20.55
C THR B 152 -16.78 0.47 19.51
N TRP B 153 -17.19 0.18 18.29
CA TRP B 153 -17.18 1.13 17.20
C TRP B 153 -18.57 1.33 16.65
N VAL B 154 -19.08 2.53 16.75
CA VAL B 154 -20.41 2.86 16.27
C VAL B 154 -20.32 3.58 14.95
N LYS B 155 -21.35 3.42 14.14
CA LYS B 155 -21.34 4.07 12.86
C LYS B 155 -22.40 5.15 12.84
N LYS B 156 -22.01 6.32 13.34
CA LYS B 156 -22.88 7.49 13.35
C LYS B 156 -23.15 7.98 11.94
N THR B 157 -24.41 8.27 11.65
CA THR B 157 -24.82 8.69 10.31
C THR B 157 -24.19 10.01 9.89
N VAL B 158 -24.12 10.95 10.83
CA VAL B 158 -23.61 12.28 10.54
C VAL B 158 -24.43 12.94 9.45
N LYS B 161 -26.48 9.04 12.24
CA LYS B 161 -25.82 8.98 13.54
C LYS B 161 -25.99 7.60 14.16
N ILE B 162 -26.65 6.71 13.42
CA ILE B 162 -26.88 5.35 13.87
C ILE B 162 -26.58 4.39 12.72
N ALA B 163 -26.34 3.13 13.04
CA ALA B 163 -25.97 2.16 12.04
C ALA B 163 -27.07 1.16 11.75
N LYS B 164 -27.32 0.91 10.48
CA LYS B 164 -28.28 -0.08 10.08
C LYS B 164 -27.58 -1.35 9.64
N GLY B 165 -27.68 -2.41 10.43
CA GLY B 165 -27.05 -3.67 10.10
C GLY B 165 -28.08 -4.76 10.14
N HIS B 166 -28.02 -5.70 9.21
CA HIS B 166 -29.02 -6.74 9.15
C HIS B 166 -28.67 -7.84 10.13
N GLY B 167 -28.82 -7.54 11.40
CA GLY B 167 -28.50 -8.48 12.45
C GLY B 167 -29.37 -9.71 12.45
N PHE B 168 -28.77 -10.84 12.78
CA PHE B 168 -29.48 -12.10 12.79
C PHE B 168 -30.58 -12.12 13.81
N TYR B 169 -30.30 -11.62 15.01
CA TYR B 169 -31.31 -11.49 16.05
C TYR B 169 -31.57 -10.03 16.34
N LEU B 170 -30.50 -9.29 16.54
CA LEU B 170 -30.57 -7.89 16.84
C LEU B 170 -29.78 -7.16 15.79
N GLN B 171 -30.34 -6.10 15.24
CA GLN B 171 -29.63 -5.36 14.22
C GLN B 171 -28.36 -4.86 14.86
N HIS B 172 -27.28 -4.88 14.08
CA HIS B 172 -25.99 -4.40 14.58
C HIS B 172 -25.73 -2.97 14.17
N ALA B 173 -25.38 -2.16 15.16
CA ALA B 173 -24.87 -0.82 14.96
C ALA B 173 -23.45 -0.66 15.50
N LYS B 174 -22.69 -1.75 15.56
CA LYS B 174 -21.27 -1.63 15.81
C LYS B 174 -20.57 -2.92 15.44
N GLU B 175 -19.26 -2.83 15.22
CA GLU B 175 -18.42 -3.99 15.44
C GLU B 175 -17.42 -3.61 16.48
N SER B 176 -16.62 -4.59 16.89
CA SER B 176 -15.91 -4.44 18.14
C SER B 176 -14.54 -5.10 18.06
N CYS B 177 -13.59 -4.46 18.73
CA CYS B 177 -12.21 -4.91 18.82
C CYS B 177 -11.99 -5.58 20.16
N LEU B 178 -11.47 -6.80 20.12
CA LEU B 178 -11.26 -7.59 21.31
C LEU B 178 -9.79 -7.51 21.65
N ILE B 179 -9.52 -7.16 22.89
CA ILE B 179 -8.17 -6.90 23.34
C ILE B 179 -7.72 -7.88 24.39
N GLY B 180 -6.52 -8.42 24.21
CA GLY B 180 -5.99 -9.42 25.10
C GLY B 180 -4.59 -9.03 25.51
N VAL B 181 -4.14 -9.53 26.65
CA VAL B 181 -2.83 -9.16 27.14
C VAL B 181 -2.03 -10.36 27.62
N LYS B 182 -0.72 -10.26 27.49
CA LYS B 182 0.17 -11.21 28.12
C LYS B 182 1.38 -10.49 28.68
N GLY B 183 1.97 -11.04 29.74
CA GLY B 183 3.16 -10.44 30.33
C GLY B 183 2.92 -9.24 31.21
N ASP B 184 3.99 -8.52 31.48
CA ASP B 184 3.99 -7.32 32.29
C ASP B 184 3.71 -6.13 31.44
N VAL B 185 2.61 -5.47 31.77
CA VAL B 185 2.33 -4.13 31.34
C VAL B 185 2.46 -3.19 32.53
N ASP B 186 3.01 -3.67 33.65
CA ASP B 186 3.19 -2.79 34.80
C ASP B 186 4.33 -1.83 34.52
N ASN B 187 5.04 -2.14 33.44
CA ASN B 187 6.12 -1.32 32.93
C ASN B 187 5.64 0.07 32.56
N GLY B 188 6.59 0.98 32.47
CA GLY B 188 6.28 2.36 32.18
C GLY B 188 5.59 2.60 30.85
N ARG B 189 5.94 1.80 29.84
CA ARG B 189 5.54 2.11 28.49
C ARG B 189 4.04 2.16 28.27
N PHE B 190 3.31 1.20 28.83
CA PHE B 190 1.88 1.18 28.63
C PHE B 190 1.27 2.00 29.72
N LYS B 191 0.41 2.93 29.36
CA LYS B 191 -0.18 3.81 30.35
C LYS B 191 -1.62 3.44 30.56
N LYS B 192 -1.95 3.05 31.78
CA LYS B 192 -3.28 2.60 32.10
C LYS B 192 -4.25 3.76 32.15
N ASN B 193 -5.47 3.51 31.72
CA ASN B 193 -6.52 4.52 31.81
C ASN B 193 -6.36 5.64 30.81
N ILE B 194 -5.61 5.38 29.74
CA ILE B 194 -5.29 6.42 28.76
C ILE B 194 -6.24 6.56 27.57
N ALA B 195 -7.22 5.69 27.46
CA ALA B 195 -8.05 5.65 26.27
C ALA B 195 -9.47 5.29 26.63
N SER B 196 -10.35 5.13 25.64
CA SER B 196 -11.73 4.79 25.92
C SER B 196 -12.22 3.55 25.16
N ASP B 197 -13.19 2.83 25.74
CA ASP B 197 -13.77 1.67 25.07
C ASP B 197 -14.56 2.00 23.81
N VAL B 198 -15.36 3.05 23.87
CA VAL B 198 -16.17 3.47 22.72
C VAL B 198 -15.43 4.36 21.72
N ILE B 199 -15.69 4.13 20.43
CA ILE B 199 -15.18 4.98 19.35
C ILE B 199 -16.31 5.41 18.42
N PHE B 200 -16.15 6.60 17.85
CA PHE B 200 -17.23 7.43 17.30
C PHE B 200 -17.28 7.73 15.80
N SER B 201 -16.29 7.28 15.04
CA SER B 201 -16.10 7.75 13.65
C SER B 201 -17.00 7.21 12.53
N GLU B 202 -17.03 7.95 11.42
CA GLU B 202 -17.69 7.57 10.16
C GLU B 202 -16.95 6.47 9.38
N ARG B 203 -17.65 5.71 8.54
CA ARG B 203 -17.03 4.55 7.91
C ARG B 203 -16.35 4.93 6.62
N ARG B 204 -15.27 5.70 6.74
CA ARG B 204 -14.56 6.19 5.58
C ARG B 204 -13.94 5.05 4.78
N GLY B 205 -13.99 5.17 3.47
CA GLY B 205 -13.29 4.23 2.61
C GLY B 205 -13.66 2.81 2.93
N GLN B 206 -14.95 2.56 3.12
CA GLN B 206 -15.36 1.27 3.63
C GLN B 206 -14.83 0.17 2.72
N SER B 207 -14.32 -0.91 3.29
CA SER B 207 -14.27 -1.11 4.74
C SER B 207 -13.02 -0.44 5.22
N GLN B 208 -13.17 0.56 6.10
CA GLN B 208 -12.02 1.06 6.80
C GLN B 208 -12.32 1.26 8.26
N LYS B 209 -11.40 0.79 9.08
CA LYS B 209 -11.42 0.95 10.52
C LYS B 209 -11.27 2.43 10.89
N PRO B 210 -11.81 2.85 12.03
CA PRO B 210 -11.62 4.23 12.45
C PRO B 210 -10.16 4.58 12.65
N GLU B 211 -9.80 5.77 12.17
CA GLU B 211 -8.49 6.33 12.43
C GLU B 211 -8.12 6.24 13.89
N GLU B 212 -9.07 6.60 14.75
CA GLU B 212 -8.79 6.97 16.11
C GLU B 212 -8.24 5.81 16.94
N ILE B 213 -8.30 4.61 16.35
CA ILE B 213 -7.75 3.42 16.99
C ILE B 213 -6.25 3.58 17.15
N TYR B 214 -5.60 4.14 16.15
CA TYR B 214 -4.17 4.36 16.24
C TYR B 214 -3.84 5.41 17.25
N GLN B 215 -4.70 6.45 17.36
CA GLN B 215 -4.57 7.33 18.52
C GLN B 215 -4.72 6.54 19.79
N TYR B 216 -5.83 5.83 19.94
CA TYR B 216 -6.02 5.12 21.19
C TYR B 216 -4.80 4.25 21.42
N ILE B 217 -4.24 3.65 20.39
CA ILE B 217 -3.02 2.89 20.66
C ILE B 217 -1.87 3.79 21.13
N ASN B 218 -1.90 5.06 20.78
CA ASN B 218 -0.87 5.93 21.31
C ASN B 218 -0.98 6.13 22.81
N GLN B 219 -2.20 6.36 23.31
CA GLN B 219 -2.42 6.36 24.73
C GLN B 219 -1.81 5.13 25.41
N LEU B 220 -2.14 3.96 24.87
CA LEU B 220 -1.74 2.71 25.49
C LEU B 220 -0.25 2.56 25.41
N CYS B 221 0.23 2.79 24.21
CA CYS B 221 1.65 2.77 23.97
C CYS B 221 1.96 4.10 23.35
N PRO B 222 3.06 4.67 23.78
CA PRO B 222 3.57 5.85 23.14
C PRO B 222 4.90 5.41 22.54
N ASN B 223 5.08 5.66 21.25
CA ASN B 223 6.35 5.35 20.63
C ASN B 223 6.77 3.90 20.83
N GLY B 224 5.83 2.99 20.62
CA GLY B 224 6.09 1.57 20.82
C GLY B 224 6.03 0.78 19.53
N ASN B 225 6.86 -0.26 19.42
CA ASN B 225 6.91 -1.01 18.20
C ASN B 225 5.64 -1.80 18.04
N TYR B 226 4.90 -1.43 17.01
CA TYR B 226 3.64 -2.08 16.68
C TYR B 226 3.69 -2.95 15.42
N LEU B 227 2.73 -3.85 15.32
CA LEU B 227 2.60 -4.74 14.19
C LEU B 227 1.16 -4.63 13.73
N GLU B 228 0.87 -5.07 12.52
CA GLU B 228 -0.51 -5.24 12.14
C GLU B 228 -0.56 -6.32 11.10
N ILE B 229 -1.60 -7.11 11.09
CA ILE B 229 -1.68 -8.22 10.16
C ILE B 229 -2.94 -8.06 9.33
N PHE B 230 -2.89 -8.57 8.10
CA PHE B 230 -3.98 -8.45 7.14
C PHE B 230 -4.23 -7.02 6.74
N ALA B 231 -3.16 -6.25 6.56
CA ALA B 231 -3.29 -4.79 6.52
C ALA B 231 -3.54 -4.18 5.15
N ARG B 232 -4.46 -3.23 5.12
CA ARG B 232 -4.79 -2.53 3.91
C ARG B 232 -3.79 -1.43 3.66
N ARG B 233 -3.70 -0.96 2.43
CA ARG B 233 -2.78 0.11 2.09
C ARG B 233 -3.10 1.39 2.82
N ASN B 234 -4.37 1.67 2.96
CA ASN B 234 -4.84 2.92 3.54
C ASN B 234 -4.45 3.14 4.99
N ASN B 235 -4.35 2.06 5.74
CA ASN B 235 -4.17 2.13 7.18
C ASN B 235 -2.73 2.15 7.72
N LEU B 236 -1.74 2.23 6.84
CA LEU B 236 -0.35 2.28 7.26
C LEU B 236 -0.04 3.52 8.05
N HIS B 237 0.77 3.38 9.08
CA HIS B 237 1.16 4.50 9.94
C HIS B 237 2.60 4.38 10.38
N ASP B 238 3.18 5.48 10.83
CA ASP B 238 4.58 5.49 11.24
C ASP B 238 4.84 4.58 12.43
N ASN B 239 5.95 3.88 12.39
CA ASN B 239 6.39 3.03 13.47
C ASN B 239 5.66 1.70 13.44
N TRP B 240 4.80 1.55 12.46
CA TRP B 240 3.94 0.38 12.40
C TRP B 240 4.43 -0.51 11.30
N VAL B 241 4.79 -1.73 11.64
CA VAL B 241 5.01 -2.74 10.65
C VAL B 241 3.65 -3.08 10.11
N SER B 242 3.57 -3.46 8.85
CA SER B 242 2.32 -3.93 8.29
C SER B 242 2.43 -5.04 7.27
N ILE B 243 1.63 -6.08 7.39
CA ILE B 243 1.67 -7.17 6.43
C ILE B 243 0.29 -7.43 5.85
N GLY B 244 0.20 -7.44 4.53
CA GLY B 244 -1.06 -7.73 3.87
C GLY B 244 -0.65 -8.14 2.49
N ASN B 245 -1.52 -8.79 1.74
CA ASN B 245 -1.17 -9.19 0.40
C ASN B 245 -1.60 -8.16 -0.62
N GLU B 246 -2.18 -7.08 -0.16
CA GLU B 246 -2.54 -5.99 -1.05
C GLU B 246 -1.59 -4.82 -0.92
N LEU B 247 -0.53 -4.99 -0.15
CA LEU B 247 0.49 -3.95 -0.02
C LEU B 247 1.57 -4.17 -1.04
#